data_8ONW
#
_entry.id   8ONW
#
_cell.length_a   71.086
_cell.length_b   102.633
_cell.length_c   112.323
_cell.angle_alpha   90.000
_cell.angle_beta   90.000
_cell.angle_gamma   90.000
#
_symmetry.space_group_name_H-M   'P 21 21 21'
#
loop_
_entity.id
_entity.type
_entity.pdbx_description
1 polymer 'PRC-barrel domain-containing protein'
2 polymer 'PRC-barrel domain-containing protein'
3 polymer 'PRC-barrel domain-containing protein'
4 water water
#
loop_
_entity_poly.entity_id
_entity_poly.type
_entity_poly.pdbx_seq_one_letter_code
_entity_poly.pdbx_strand_id
1 'polypeptide(L)'
;MIGEITTFFGMRVFTDEGRYVGRVEDVILDQNTKSIRGLAISDYNKALIDSHAKGVIIPYRVVKAVGDIIIIKDLFKRKS
RVLDYESRELIE
;
A,B
2 'polypeptide(L)' MYVPARSLARKSVVLTDGTVVGTLYNITVDFKTGTIVNLLVKPENEIPDFKKEEGLYIIPFECVRSLKDFIVVDRR H,C,E,G
3 'polypeptide(L)' MIGEITTFFGMRVFTDEGRYVGRVEDVILDQNTKSIRGLAISDYNKALIDSHAKGVIIPYRVVKAVGDIIIIKDLF D,F
#
# COMPACT_ATOMS: atom_id res chain seq x y z
N MET A 1 -17.69 14.91 -5.10
CA MET A 1 -17.54 14.70 -6.54
C MET A 1 -17.02 13.32 -6.93
N ILE A 2 -15.92 12.90 -6.31
CA ILE A 2 -15.28 11.61 -6.57
C ILE A 2 -15.56 10.68 -5.39
N GLY A 3 -15.94 9.44 -5.68
CA GLY A 3 -16.39 8.55 -4.63
C GLY A 3 -16.58 7.14 -5.15
N GLU A 4 -17.25 6.32 -4.38
CA GLU A 4 -17.31 4.91 -4.74
C GLU A 4 -18.65 4.53 -5.37
N ILE A 5 -18.58 3.55 -6.27
CA ILE A 5 -19.69 3.19 -7.15
C ILE A 5 -20.86 2.64 -6.36
N THR A 6 -20.58 2.01 -5.22
CA THR A 6 -21.65 1.46 -4.39
C THR A 6 -22.59 2.55 -3.88
N THR A 7 -22.15 3.80 -3.88
CA THR A 7 -23.01 4.88 -3.41
C THR A 7 -24.27 4.99 -4.25
N PHE A 8 -24.18 4.73 -5.57
CA PHE A 8 -25.37 4.83 -6.42
C PHE A 8 -26.48 3.90 -6.00
N PHE A 9 -26.12 2.78 -5.39
CA PHE A 9 -27.06 1.69 -5.21
C PHE A 9 -28.14 2.09 -4.21
N GLY A 10 -29.40 1.94 -4.63
CA GLY A 10 -30.53 2.31 -3.81
C GLY A 10 -30.90 3.77 -3.83
N MET A 11 -30.13 4.64 -4.49
CA MET A 11 -30.48 6.05 -4.48
C MET A 11 -31.71 6.34 -5.32
N ARG A 12 -32.55 7.20 -4.79
CA ARG A 12 -33.72 7.68 -5.50
C ARG A 12 -33.28 8.72 -6.51
N VAL A 13 -33.91 8.73 -7.68
CA VAL A 13 -33.59 9.68 -8.74
C VAL A 13 -34.79 10.60 -8.90
N PHE A 14 -34.54 11.93 -8.91
CA PHE A 14 -35.61 12.86 -9.26
C PHE A 14 -35.17 13.69 -10.45
N THR A 15 -36.15 14.34 -11.08
CA THR A 15 -35.82 15.28 -12.15
C THR A 15 -35.58 16.66 -11.56
N ASP A 16 -34.93 17.53 -12.35
CA ASP A 16 -34.77 18.90 -11.91
C ASP A 16 -36.06 19.69 -11.94
N GLU A 17 -37.21 19.05 -12.13
CA GLU A 17 -38.47 19.68 -11.80
C GLU A 17 -39.14 19.05 -10.60
N GLY A 18 -38.39 18.29 -9.81
CA GLY A 18 -38.91 17.73 -8.58
C GLY A 18 -39.68 16.44 -8.75
N ARG A 19 -39.66 15.82 -9.91
CA ARG A 19 -40.53 14.68 -10.16
C ARG A 19 -39.75 13.39 -9.98
N TYR A 20 -40.34 12.46 -9.24
CA TYR A 20 -39.70 11.19 -8.91
C TYR A 20 -39.52 10.32 -10.14
N VAL A 21 -38.34 9.75 -10.30
CA VAL A 21 -38.05 8.87 -11.42
C VAL A 21 -37.94 7.42 -10.97
N GLY A 22 -37.16 7.14 -9.94
CA GLY A 22 -37.07 5.79 -9.45
C GLY A 22 -35.82 5.60 -8.60
N ARG A 23 -35.47 4.33 -8.40
CA ARG A 23 -34.34 3.92 -7.56
C ARG A 23 -33.26 3.26 -8.39
N VAL A 24 -32.02 3.66 -8.17
CA VAL A 24 -30.94 3.06 -8.93
C VAL A 24 -30.78 1.60 -8.56
N GLU A 25 -30.78 0.74 -9.58
CA GLU A 25 -30.56 -0.68 -9.41
C GLU A 25 -29.18 -1.12 -9.83
N ASP A 26 -28.58 -0.48 -10.83
CA ASP A 26 -27.24 -0.86 -11.25
C ASP A 26 -26.66 0.29 -12.04
N VAL A 27 -25.37 0.19 -12.33
CA VAL A 27 -24.60 1.23 -13.01
C VAL A 27 -23.92 0.60 -14.21
N ILE A 28 -24.10 1.20 -15.39
CA ILE A 28 -23.64 0.62 -16.65
C ILE A 28 -22.32 1.28 -17.04
N LEU A 29 -21.29 0.46 -17.22
CA LEU A 29 -19.92 0.94 -17.44
C LEU A 29 -19.46 0.70 -18.87
N ASP A 30 -18.38 1.40 -19.22
CA ASP A 30 -17.76 1.32 -20.55
C ASP A 30 -16.25 1.35 -20.38
N GLN A 31 -15.59 0.23 -20.70
CA GLN A 31 -14.13 0.21 -20.65
C GLN A 31 -13.50 1.12 -21.70
N ASN A 32 -14.11 1.20 -22.90
CA ASN A 32 -13.49 1.94 -23.99
C ASN A 32 -13.34 3.42 -23.66
N THR A 33 -14.35 4.03 -23.03
CA THR A 33 -14.29 5.43 -22.67
C THR A 33 -14.03 5.67 -21.20
N LYS A 34 -13.77 4.61 -20.42
CA LYS A 34 -13.43 4.75 -19.01
C LYS A 34 -14.46 5.60 -18.28
N SER A 35 -15.73 5.30 -18.51
CA SER A 35 -16.75 6.20 -18.01
C SER A 35 -18.03 5.43 -17.74
N ILE A 36 -18.85 6.03 -16.88
CA ILE A 36 -20.19 5.51 -16.64
C ILE A 36 -21.05 5.80 -17.86
N ARG A 37 -21.74 4.77 -18.36
CA ARG A 37 -22.56 4.91 -19.56
C ARG A 37 -23.98 5.33 -19.21
N GLY A 38 -24.60 4.63 -18.25
CA GLY A 38 -25.97 4.89 -17.88
C GLY A 38 -26.20 4.41 -16.48
N LEU A 39 -27.41 4.68 -15.98
CA LEU A 39 -27.87 4.18 -14.70
C LEU A 39 -29.07 3.29 -14.92
N ALA A 40 -29.05 2.09 -14.34
CA ALA A 40 -30.19 1.18 -14.40
C ALA A 40 -31.16 1.53 -13.27
N ILE A 41 -32.41 1.78 -13.62
CA ILE A 41 -33.42 2.26 -12.69
C ILE A 41 -34.50 1.20 -12.55
N SER A 42 -35.04 1.06 -11.35
CA SER A 42 -36.19 0.20 -11.13
C SER A 42 -37.14 0.93 -10.19
N ASP A 43 -38.30 0.30 -9.91
CA ASP A 43 -39.34 0.94 -9.09
C ASP A 43 -39.66 2.31 -9.67
N TYR A 44 -39.84 2.33 -10.97
CA TYR A 44 -39.76 3.52 -11.78
C TYR A 44 -41.16 4.08 -11.99
N ASN A 45 -41.24 5.38 -12.23
CA ASN A 45 -42.51 6.11 -12.17
C ASN A 45 -43.33 5.86 -13.43
N LYS A 46 -44.49 5.19 -13.28
CA LYS A 46 -45.32 4.86 -14.44
C LYS A 46 -45.95 6.10 -15.07
N ALA A 47 -46.31 7.09 -14.24
CA ALA A 47 -46.81 8.37 -14.75
C ALA A 47 -45.85 9.02 -15.74
N LEU A 48 -44.56 8.72 -15.67
CA LEU A 48 -43.58 9.35 -16.53
C LEU A 48 -43.05 8.45 -17.62
N ILE A 49 -43.02 7.14 -17.41
CA ILE A 49 -42.42 6.21 -18.36
C ILE A 49 -43.48 5.23 -18.83
N ASP A 50 -43.68 5.17 -20.15
CA ASP A 50 -44.52 4.13 -20.77
C ASP A 50 -43.63 2.97 -21.17
N SER A 51 -43.69 1.89 -20.41
CA SER A 51 -42.76 0.80 -20.60
C SER A 51 -43.17 -0.36 -19.71
N HIS A 52 -42.81 -1.57 -20.14
CA HIS A 52 -43.11 -2.79 -19.40
C HIS A 52 -41.85 -3.51 -18.93
N ALA A 53 -40.67 -2.92 -19.13
CA ALA A 53 -39.44 -3.56 -18.71
C ALA A 53 -39.35 -3.59 -17.18
N LYS A 54 -38.60 -4.57 -16.66
CA LYS A 54 -38.29 -4.59 -15.23
C LYS A 54 -37.61 -3.29 -14.81
N GLY A 55 -36.73 -2.77 -15.66
CA GLY A 55 -36.01 -1.56 -15.37
C GLY A 55 -35.66 -0.84 -16.66
N VAL A 56 -35.35 0.44 -16.53
CA VAL A 56 -34.96 1.27 -17.67
C VAL A 56 -33.58 1.83 -17.40
N ILE A 57 -32.91 2.22 -18.47
CA ILE A 57 -31.56 2.78 -18.40
C ILE A 57 -31.62 4.24 -18.81
N ILE A 58 -31.12 5.10 -17.93
CA ILE A 58 -30.99 6.53 -18.20
C ILE A 58 -29.54 6.80 -18.57
N PRO A 59 -29.27 7.50 -19.66
CA PRO A 59 -27.87 7.76 -20.03
C PRO A 59 -27.25 8.70 -19.02
N TYR A 60 -25.95 8.52 -18.77
CA TYR A 60 -25.37 9.23 -17.64
C TYR A 60 -25.27 10.73 -17.90
N ARG A 61 -25.21 11.14 -19.16
CA ARG A 61 -25.06 12.55 -19.51
C ARG A 61 -26.21 13.41 -19.04
N VAL A 62 -27.37 12.83 -18.73
CA VAL A 62 -28.47 13.66 -18.24
C VAL A 62 -28.45 13.79 -16.72
N VAL A 63 -27.46 13.19 -16.05
CA VAL A 63 -27.33 13.32 -14.60
C VAL A 63 -26.73 14.69 -14.28
N LYS A 64 -27.38 15.42 -13.37
CA LYS A 64 -26.93 16.75 -13.00
C LYS A 64 -26.23 16.78 -11.66
N ALA A 65 -26.65 15.95 -10.72
CA ALA A 65 -26.12 16.03 -9.36
C ALA A 65 -26.29 14.68 -8.69
N VAL A 66 -25.32 14.32 -7.86
CA VAL A 66 -25.40 13.14 -7.00
C VAL A 66 -25.09 13.59 -5.59
N GLY A 67 -26.08 13.49 -4.70
CA GLY A 67 -25.92 13.94 -3.34
C GLY A 67 -26.53 12.92 -2.40
N ASP A 68 -27.62 13.30 -1.75
CA ASP A 68 -28.48 12.35 -1.06
C ASP A 68 -29.47 11.71 -2.02
N ILE A 69 -29.76 12.39 -3.12
CA ILE A 69 -30.57 11.90 -4.22
C ILE A 69 -29.80 12.20 -5.50
N ILE A 70 -30.24 11.60 -6.60
CA ILE A 70 -29.71 11.91 -7.92
C ILE A 70 -30.73 12.77 -8.63
N ILE A 71 -30.28 13.89 -9.18
CA ILE A 71 -31.11 14.79 -9.95
C ILE A 71 -30.72 14.67 -11.41
N ILE A 72 -31.71 14.48 -12.30
CA ILE A 72 -31.43 14.43 -13.72
C ILE A 72 -32.24 15.50 -14.45
N LYS A 73 -31.81 15.80 -15.67
CA LYS A 73 -32.59 16.67 -16.56
C LYS A 73 -33.95 16.06 -16.85
N ASP A 74 -35.01 16.85 -16.68
CA ASP A 74 -36.35 16.32 -16.90
C ASP A 74 -36.57 16.15 -18.39
N LEU A 75 -36.67 14.90 -18.82
CA LEU A 75 -36.87 14.60 -20.23
C LEU A 75 -38.19 13.88 -20.48
N PHE A 76 -39.09 13.87 -19.49
CA PHE A 76 -40.33 13.10 -19.56
C PHE A 76 -41.49 14.00 -19.98
N LYS A 77 -41.31 14.63 -21.13
CA LYS A 77 -42.25 15.60 -21.67
C LYS A 77 -42.51 15.26 -23.13
N ARG A 78 -43.48 15.94 -23.71
CA ARG A 78 -43.78 15.76 -25.12
C ARG A 78 -43.38 17.02 -25.87
N LYS A 79 -42.64 16.82 -26.96
CA LYS A 79 -42.45 17.86 -27.94
C LYS A 79 -43.76 18.10 -28.69
N SER A 80 -43.91 19.30 -29.23
CA SER A 80 -45.06 19.68 -30.05
C SER A 80 -44.63 19.90 -31.50
N ARG A 81 -45.27 19.19 -32.44
CA ARG A 81 -44.96 19.34 -33.86
C ARG A 81 -45.51 20.66 -34.37
N VAL A 82 -44.74 21.30 -35.25
CA VAL A 82 -45.16 22.58 -35.80
C VAL A 82 -46.14 22.35 -36.94
N LEU A 83 -47.12 23.23 -37.08
CA LEU A 83 -48.11 23.16 -38.15
C LEU A 83 -47.97 24.37 -39.03
N ASP A 84 -48.00 24.15 -40.35
CA ASP A 84 -47.66 25.21 -41.28
C ASP A 84 -48.74 26.28 -41.34
N TYR A 85 -50.01 25.89 -41.23
CA TYR A 85 -51.11 26.82 -41.34
C TYR A 85 -51.73 27.14 -39.97
N GLU A 86 -51.07 26.76 -38.89
CA GLU A 86 -51.59 26.97 -37.55
C GLU A 86 -50.46 27.49 -36.67
N SER A 87 -50.70 28.63 -36.01
CA SER A 87 -49.74 29.10 -35.00
C SER A 87 -49.67 28.16 -33.80
N ARG A 88 -50.74 27.42 -33.53
CA ARG A 88 -50.69 26.42 -32.49
C ARG A 88 -49.86 25.24 -32.99
N GLU A 89 -49.41 24.42 -32.06
CA GLU A 89 -48.63 23.23 -32.40
C GLU A 89 -49.33 21.97 -31.89
N LEU A 90 -49.08 20.87 -32.58
CA LEU A 90 -49.78 19.62 -32.37
C LEU A 90 -49.02 18.72 -31.37
N ILE A 91 -49.78 17.89 -30.66
CA ILE A 91 -49.22 16.89 -29.76
C ILE A 91 -49.93 15.57 -30.02
N GLU A 92 -49.18 14.54 -30.41
CA GLU A 92 -49.74 13.19 -30.52
C GLU A 92 -49.02 12.15 -29.70
N TYR B 2 -20.55 -3.00 -23.17
CA TYR B 2 -21.03 -2.39 -21.94
C TYR B 2 -21.19 -3.40 -20.83
N VAL B 3 -20.86 -3.02 -19.60
CA VAL B 3 -20.88 -3.95 -18.48
C VAL B 3 -21.61 -3.34 -17.28
N PRO B 4 -22.62 -4.00 -16.72
CA PRO B 4 -23.21 -3.52 -15.47
C PRO B 4 -22.22 -3.71 -14.33
N ALA B 5 -22.26 -2.79 -13.38
CA ALA B 5 -21.25 -2.79 -12.32
C ALA B 5 -21.43 -3.98 -11.38
N ARG B 6 -22.68 -4.29 -11.02
CA ARG B 6 -22.94 -5.36 -10.07
C ARG B 6 -22.51 -6.72 -10.60
N SER B 7 -22.50 -6.90 -11.92
CA SER B 7 -21.99 -8.14 -12.50
C SER B 7 -20.48 -8.28 -12.35
N LEU B 8 -19.78 -7.23 -11.91
CA LEU B 8 -18.36 -7.33 -11.57
C LEU B 8 -18.15 -7.61 -10.09
N ALA B 9 -19.22 -7.92 -9.36
CA ALA B 9 -19.12 -8.05 -7.91
C ALA B 9 -18.14 -9.14 -7.53
N ARG B 10 -17.08 -8.74 -6.81
CA ARG B 10 -16.11 -9.66 -6.22
C ARG B 10 -15.53 -10.62 -7.24
N LYS B 11 -15.38 -10.18 -8.49
CA LYS B 11 -14.66 -10.99 -9.45
C LYS B 11 -13.19 -11.03 -9.11
N SER B 12 -12.48 -11.97 -9.73
CA SER B 12 -11.03 -12.09 -9.58
C SER B 12 -10.33 -11.17 -10.57
N VAL B 13 -9.23 -10.58 -10.10
CA VAL B 13 -8.45 -9.61 -10.86
C VAL B 13 -7.08 -10.24 -11.09
N VAL B 14 -6.63 -10.26 -12.36
CA VAL B 14 -5.38 -10.93 -12.72
C VAL B 14 -4.51 -10.01 -13.57
N LEU B 15 -3.20 -10.26 -13.55
CA LEU B 15 -2.26 -9.51 -14.37
C LEU B 15 -2.19 -10.04 -15.80
N THR B 16 -1.28 -9.44 -16.59
CA THR B 16 -1.10 -9.84 -17.99
C THR B 16 -0.46 -11.22 -18.11
N ASP B 17 0.38 -11.60 -17.14
CA ASP B 17 1.07 -12.88 -17.17
C ASP B 17 0.20 -14.01 -16.63
N GLY B 18 -0.62 -13.75 -15.61
CA GLY B 18 -1.52 -14.76 -15.07
C GLY B 18 -1.64 -14.71 -13.56
N THR B 19 -0.79 -13.92 -12.91
CA THR B 19 -0.85 -13.70 -11.46
C THR B 19 -2.26 -13.36 -11.01
N VAL B 20 -2.71 -13.97 -9.91
CA VAL B 20 -4.00 -13.64 -9.31
C VAL B 20 -3.81 -12.48 -8.34
N VAL B 21 -4.37 -11.32 -8.68
CA VAL B 21 -4.14 -10.10 -7.90
C VAL B 21 -5.07 -10.03 -6.71
N GLY B 22 -6.33 -10.40 -6.89
CA GLY B 22 -7.27 -10.43 -5.78
C GLY B 22 -8.69 -10.46 -6.30
N THR B 23 -9.61 -10.06 -5.43
CA THR B 23 -11.01 -9.92 -5.78
C THR B 23 -11.41 -8.46 -5.72
N LEU B 24 -12.14 -8.01 -6.75
CA LEU B 24 -12.59 -6.63 -6.82
C LEU B 24 -13.45 -6.28 -5.61
N TYR B 25 -13.11 -5.17 -4.96
CA TYR B 25 -13.91 -4.71 -3.83
C TYR B 25 -14.86 -3.58 -4.19
N ASN B 26 -14.38 -2.59 -4.96
CA ASN B 26 -15.22 -1.44 -5.27
C ASN B 26 -14.58 -0.70 -6.43
N ILE B 27 -15.26 0.35 -6.89
CA ILE B 27 -14.83 1.11 -8.05
C ILE B 27 -14.96 2.58 -7.71
N THR B 28 -13.90 3.34 -7.93
CA THR B 28 -13.90 4.78 -7.69
C THR B 28 -14.29 5.52 -8.96
N VAL B 29 -15.24 6.45 -8.84
CA VAL B 29 -15.74 7.20 -9.99
C VAL B 29 -15.92 8.67 -9.63
N ASP B 30 -15.82 9.53 -10.64
CA ASP B 30 -16.18 10.94 -10.54
C ASP B 30 -17.66 11.13 -10.88
N PHE B 31 -18.43 11.69 -9.94
CA PHE B 31 -19.88 11.72 -10.12
C PHE B 31 -20.32 12.79 -11.12
N LYS B 32 -19.60 13.91 -11.21
CA LYS B 32 -19.96 14.93 -12.18
C LYS B 32 -19.53 14.49 -13.57
N THR B 33 -18.27 14.13 -13.72
CA THR B 33 -17.71 13.77 -15.01
C THR B 33 -18.20 12.40 -15.47
N GLY B 34 -18.43 11.47 -14.55
CA GLY B 34 -18.69 10.11 -14.95
C GLY B 34 -17.45 9.29 -15.30
N THR B 35 -16.26 9.85 -15.15
CA THR B 35 -15.03 9.09 -15.39
C THR B 35 -14.83 8.04 -14.31
N ILE B 36 -14.47 6.83 -14.73
CA ILE B 36 -13.97 5.81 -13.82
C ILE B 36 -12.52 6.11 -13.49
N VAL B 37 -12.19 6.13 -12.19
CA VAL B 37 -10.85 6.55 -11.75
C VAL B 37 -10.00 5.32 -11.36
N ASN B 38 -10.45 4.53 -10.38
CA ASN B 38 -9.64 3.44 -9.83
C ASN B 38 -10.42 2.13 -9.80
N LEU B 39 -9.70 1.04 -9.66
CA LEU B 39 -10.25 -0.17 -9.09
C LEU B 39 -9.75 -0.28 -7.67
N LEU B 40 -10.54 -0.91 -6.81
CA LEU B 40 -10.09 -1.23 -5.45
C LEU B 40 -10.18 -2.74 -5.31
N VAL B 41 -9.02 -3.40 -5.19
CA VAL B 41 -8.96 -4.85 -5.21
C VAL B 41 -8.53 -5.36 -3.84
N LYS B 42 -9.34 -6.24 -3.26
CA LYS B 42 -8.97 -7.01 -2.09
C LYS B 42 -7.78 -7.89 -2.42
N PRO B 43 -6.62 -7.71 -1.76
CA PRO B 43 -5.40 -8.39 -2.20
C PRO B 43 -5.38 -9.89 -1.88
N GLU B 44 -4.67 -10.64 -2.71
CA GLU B 44 -4.44 -12.05 -2.44
C GLU B 44 -2.96 -12.38 -2.60
N ASN B 45 -2.27 -11.74 -3.54
CA ASN B 45 -0.83 -11.88 -3.70
C ASN B 45 -0.15 -10.55 -3.39
N GLU B 46 1.15 -10.48 -3.63
CA GLU B 46 1.96 -9.31 -3.31
C GLU B 46 2.63 -8.84 -4.59
N ILE B 47 1.89 -8.07 -5.38
CA ILE B 47 2.45 -7.41 -6.54
C ILE B 47 2.95 -6.04 -6.09
N PRO B 48 4.20 -5.69 -6.36
CA PRO B 48 4.67 -4.33 -6.06
C PRO B 48 4.24 -3.27 -7.07
N ASP B 49 3.53 -3.65 -8.13
CA ASP B 49 3.18 -2.71 -9.21
C ASP B 49 2.03 -1.77 -8.84
N PHE B 50 1.30 -2.02 -7.76
CA PHE B 50 0.16 -1.18 -7.39
C PHE B 50 0.31 -0.71 -5.95
N LYS B 51 0.14 0.60 -5.74
CA LYS B 51 0.19 1.15 -4.39
C LYS B 51 -1.06 0.74 -3.61
N LYS B 52 -1.05 1.05 -2.31
CA LYS B 52 -2.06 0.56 -1.40
C LYS B 52 -2.61 1.68 -0.54
N GLU B 53 -3.87 1.51 -0.11
CA GLU B 53 -4.52 2.42 0.84
C GLU B 53 -5.63 1.63 1.52
N GLU B 54 -5.70 1.71 2.85
CA GLU B 54 -6.65 0.91 3.62
C GLU B 54 -6.60 -0.56 3.24
N GLY B 55 -5.43 -1.04 2.84
CA GLY B 55 -5.25 -2.45 2.55
C GLY B 55 -5.89 -2.94 1.26
N LEU B 56 -6.11 -2.06 0.30
CA LEU B 56 -6.61 -2.44 -1.02
C LEU B 56 -5.66 -1.96 -2.08
N TYR B 57 -5.56 -2.71 -3.18
CA TYR B 57 -4.82 -2.25 -4.34
C TYR B 57 -5.56 -1.13 -5.06
N ILE B 58 -4.84 -0.06 -5.36
CA ILE B 58 -5.37 1.08 -6.11
C ILE B 58 -4.89 0.92 -7.54
N ILE B 59 -5.73 0.32 -8.38
CA ILE B 59 -5.40 0.09 -9.79
C ILE B 59 -6.03 1.19 -10.62
N PRO B 60 -5.25 2.14 -11.17
CA PRO B 60 -5.80 3.11 -12.11
C PRO B 60 -6.54 2.43 -13.24
N PHE B 61 -7.72 2.95 -13.58
CA PHE B 61 -8.52 2.29 -14.60
C PHE B 61 -7.86 2.39 -15.97
N GLU B 62 -6.94 3.33 -16.16
CA GLU B 62 -6.11 3.40 -17.35
C GLU B 62 -5.45 2.06 -17.68
N CYS B 63 -5.14 1.26 -16.66
CA CYS B 63 -4.37 0.03 -16.80
C CYS B 63 -5.23 -1.22 -17.04
N VAL B 64 -6.54 -1.08 -17.01
CA VAL B 64 -7.44 -2.20 -17.25
C VAL B 64 -7.52 -2.46 -18.74
N ARG B 65 -7.46 -3.74 -19.12
CA ARG B 65 -7.43 -4.09 -20.53
C ARG B 65 -8.57 -4.97 -20.97
N SER B 66 -9.28 -5.61 -20.04
CA SER B 66 -10.55 -6.25 -20.36
C SER B 66 -11.31 -6.52 -19.07
N LEU B 67 -12.58 -6.85 -19.22
CA LEU B 67 -13.47 -7.01 -18.09
C LEU B 67 -14.48 -8.11 -18.38
N LYS B 68 -14.02 -9.23 -18.94
CA LYS B 68 -14.96 -10.33 -19.12
C LYS B 68 -14.96 -11.22 -17.88
N ASP B 69 -14.78 -12.53 -18.03
CA ASP B 69 -14.97 -13.36 -16.83
C ASP B 69 -13.85 -13.16 -15.82
N PHE B 70 -12.69 -12.65 -16.25
CA PHE B 70 -11.61 -12.28 -15.35
C PHE B 70 -11.23 -10.83 -15.65
N ILE B 71 -11.18 -10.01 -14.60
CA ILE B 71 -10.67 -8.65 -14.76
C ILE B 71 -9.18 -8.71 -15.02
N VAL B 72 -8.75 -8.16 -16.14
CA VAL B 72 -7.37 -8.26 -16.61
C VAL B 72 -6.73 -6.88 -16.54
N VAL B 73 -5.50 -6.83 -15.99
CA VAL B 73 -4.87 -5.58 -15.59
C VAL B 73 -3.40 -5.62 -15.95
N ASP B 74 -2.85 -4.47 -16.33
CA ASP B 74 -1.45 -4.38 -16.69
C ASP B 74 -0.76 -3.33 -15.82
N ARG B 75 0.57 -3.38 -15.81
CA ARG B 75 1.34 -2.45 -14.97
C ARG B 75 1.29 -1.03 -15.54
N ARG B 76 1.08 -0.87 -16.84
CA ARG B 76 0.97 0.47 -17.43
C ARG B 76 -0.28 0.58 -18.31
N MET C 1 -7.09 10.28 -0.33
CA MET C 1 -6.51 9.73 -1.55
C MET C 1 -6.48 10.66 -2.76
N ILE C 2 -7.61 11.29 -3.09
CA ILE C 2 -7.72 12.20 -4.23
C ILE C 2 -8.09 13.60 -3.75
N GLY C 3 -7.41 14.61 -4.27
CA GLY C 3 -7.61 15.95 -3.77
C GLY C 3 -6.88 16.97 -4.60
N GLU C 4 -6.89 18.21 -4.13
CA GLU C 4 -6.35 19.31 -4.90
C GLU C 4 -4.82 19.29 -4.86
N ILE C 5 -4.20 19.69 -5.97
CA ILE C 5 -2.75 19.62 -6.04
C ILE C 5 -2.11 20.63 -5.11
N THR C 6 -2.83 21.68 -4.73
CA THR C 6 -2.23 22.70 -3.89
C THR C 6 -1.87 22.19 -2.49
N THR C 7 -2.52 21.13 -2.00
CA THR C 7 -2.25 20.64 -0.65
C THR C 7 -0.81 20.18 -0.48
N PHE C 8 -0.11 19.84 -1.57
CA PHE C 8 1.31 19.51 -1.49
C PHE C 8 2.13 20.68 -0.95
N PHE C 9 1.75 21.90 -1.32
CA PHE C 9 2.65 23.04 -1.15
C PHE C 9 2.96 23.24 0.32
N GLY C 10 4.25 23.36 0.62
CA GLY C 10 4.69 23.59 1.99
C GLY C 10 4.64 22.38 2.91
N MET C 11 4.21 21.21 2.43
CA MET C 11 4.26 20.04 3.27
C MET C 11 5.69 19.58 3.51
N ARG C 12 5.87 18.87 4.62
CA ARG C 12 7.16 18.37 5.05
C ARG C 12 7.36 16.96 4.53
N VAL C 13 8.58 16.67 4.06
CA VAL C 13 8.91 15.40 3.47
C VAL C 13 9.89 14.68 4.40
N PHE C 14 9.61 13.41 4.67
CA PHE C 14 10.43 12.55 5.53
C PHE C 14 10.69 11.24 4.80
N THR C 15 11.81 10.57 5.10
CA THR C 15 12.02 9.24 4.54
C THR C 15 11.30 8.20 5.38
N ASP C 16 11.24 6.98 4.86
CA ASP C 16 10.60 5.91 5.61
C ASP C 16 11.50 5.34 6.71
N GLU C 17 12.68 5.93 6.91
CA GLU C 17 13.49 5.72 8.11
C GLU C 17 13.44 6.90 9.06
N GLY C 18 12.43 7.77 8.92
CA GLY C 18 12.22 8.86 9.85
C GLY C 18 13.11 10.07 9.68
N ARG C 19 13.82 10.21 8.57
CA ARG C 19 14.75 11.32 8.43
C ARG C 19 14.11 12.45 7.61
N TYR C 20 14.37 13.71 8.02
CA TYR C 20 13.74 14.88 7.40
C TYR C 20 14.44 15.24 6.09
N VAL C 21 13.65 15.49 5.04
CA VAL C 21 14.19 15.78 3.72
C VAL C 21 14.02 17.25 3.36
N GLY C 22 12.84 17.82 3.54
CA GLY C 22 12.62 19.20 3.19
C GLY C 22 11.15 19.51 3.10
N ARG C 23 10.86 20.70 2.58
CA ARG C 23 9.49 21.16 2.37
C ARG C 23 9.22 21.22 0.87
N VAL C 24 7.98 20.88 0.49
CA VAL C 24 7.61 20.87 -0.93
C VAL C 24 7.36 22.30 -1.39
N GLU C 25 8.02 22.67 -2.48
CA GLU C 25 7.91 23.99 -3.06
C GLU C 25 6.99 24.01 -4.27
N ASP C 26 7.03 22.93 -5.05
CA ASP C 26 6.24 22.84 -6.26
C ASP C 26 6.13 21.37 -6.66
N VAL C 27 5.21 21.09 -7.58
CA VAL C 27 4.93 19.74 -8.06
C VAL C 27 5.15 19.73 -9.56
N ILE C 28 5.80 18.69 -10.07
CA ILE C 28 6.13 18.64 -11.49
C ILE C 28 5.19 17.66 -12.17
N LEU C 29 4.57 18.09 -13.26
CA LEU C 29 3.54 17.31 -13.93
C LEU C 29 4.06 16.80 -15.26
N ASP C 30 3.56 15.63 -15.69
CA ASP C 30 3.85 15.07 -17.01
C ASP C 30 2.57 15.01 -17.82
N GLN C 31 2.41 15.93 -18.76
CA GLN C 31 1.17 15.95 -19.54
C GLN C 31 1.00 14.67 -20.35
N ASN C 32 2.11 14.07 -20.81
CA ASN C 32 2.05 12.90 -21.67
C ASN C 32 1.50 11.69 -20.92
N THR C 33 2.04 11.39 -19.75
CA THR C 33 1.59 10.24 -18.97
C THR C 33 0.50 10.58 -17.97
N LYS C 34 0.06 11.84 -17.91
CA LYS C 34 -1.08 12.23 -17.09
C LYS C 34 -0.82 11.96 -15.60
N SER C 35 0.42 12.17 -15.17
CA SER C 35 0.77 11.88 -13.78
C SER C 35 1.78 12.90 -13.27
N ILE C 36 1.90 12.94 -11.96
CA ILE C 36 2.91 13.76 -11.31
C ILE C 36 4.28 13.14 -11.55
N ARG C 37 5.21 13.94 -12.04
CA ARG C 37 6.53 13.36 -12.25
C ARG C 37 7.40 13.45 -11.01
N GLY C 38 7.29 14.54 -10.26
CA GLY C 38 8.10 14.61 -9.05
C GLY C 38 7.74 15.82 -8.23
N LEU C 39 8.46 15.95 -7.11
CA LEU C 39 8.24 17.02 -6.15
C LEU C 39 9.47 17.92 -6.10
N ALA C 40 9.26 19.22 -6.20
CA ALA C 40 10.32 20.20 -6.01
C ALA C 40 10.41 20.56 -4.53
N ILE C 41 11.59 20.36 -3.95
CA ILE C 41 11.81 20.47 -2.51
C ILE C 41 12.83 21.57 -2.25
N SER C 42 12.58 22.38 -1.22
CA SER C 42 13.50 23.43 -0.79
C SER C 42 13.65 23.37 0.74
N ASP C 43 14.57 24.17 1.27
CA ASP C 43 14.92 24.14 2.70
C ASP C 43 15.21 22.71 3.12
N TYR C 44 16.15 22.14 2.42
CA TYR C 44 16.32 20.71 2.29
C TYR C 44 17.52 20.29 3.13
N ASN C 45 17.51 19.05 3.58
CA ASN C 45 18.44 18.65 4.64
C ASN C 45 19.84 18.44 4.07
N LYS C 46 20.73 19.41 4.31
CA LYS C 46 22.11 19.35 3.83
C LYS C 46 22.86 18.12 4.31
N ALA C 47 22.42 17.51 5.43
CA ALA C 47 23.04 16.28 5.88
C ALA C 47 22.81 15.11 4.93
N LEU C 48 21.72 15.12 4.16
CA LEU C 48 21.37 14.02 3.27
C LEU C 48 21.72 14.28 1.82
N ILE C 49 21.96 15.53 1.45
CA ILE C 49 22.06 15.94 0.06
C ILE C 49 23.27 16.82 -0.08
N ASP C 50 24.22 16.42 -0.91
CA ASP C 50 25.30 17.32 -1.28
C ASP C 50 24.92 18.00 -2.58
N SER C 51 24.50 19.25 -2.48
CA SER C 51 24.12 19.98 -3.67
C SER C 51 24.25 21.46 -3.36
N HIS C 52 24.57 22.22 -4.40
CA HIS C 52 24.53 23.67 -4.35
C HIS C 52 23.20 24.25 -4.80
N ALA C 53 22.35 23.45 -5.44
CA ALA C 53 21.11 23.95 -5.98
C ALA C 53 20.18 24.43 -4.87
N LYS C 54 19.42 25.49 -5.18
CA LYS C 54 18.48 26.01 -4.20
C LYS C 54 17.38 25.01 -3.90
N GLY C 55 16.98 24.24 -4.90
CA GLY C 55 15.98 23.22 -4.71
C GLY C 55 16.35 21.96 -5.48
N VAL C 56 15.77 20.85 -5.04
CA VAL C 56 15.98 19.57 -5.69
C VAL C 56 14.63 18.95 -6.02
N ILE C 57 14.63 18.08 -7.02
CA ILE C 57 13.44 17.40 -7.47
C ILE C 57 13.59 15.92 -7.17
N ILE C 58 12.57 15.36 -6.54
CA ILE C 58 12.50 13.95 -6.15
C ILE C 58 11.48 13.27 -7.05
N PRO C 59 11.79 12.10 -7.63
CA PRO C 59 10.80 11.40 -8.46
C PRO C 59 9.57 11.01 -7.67
N TYR C 60 8.41 11.09 -8.30
CA TYR C 60 7.21 10.80 -7.54
C TYR C 60 7.10 9.33 -7.21
N ARG C 61 7.73 8.46 -8.00
CA ARG C 61 7.59 7.03 -7.76
C ARG C 61 8.25 6.56 -6.47
N VAL C 62 9.03 7.39 -5.78
CA VAL C 62 9.54 6.98 -4.48
C VAL C 62 8.67 7.48 -3.34
N VAL C 63 7.56 8.14 -3.64
CA VAL C 63 6.62 8.55 -2.60
C VAL C 63 5.81 7.34 -2.14
N LYS C 64 5.72 7.16 -0.83
CA LYS C 64 4.95 6.08 -0.24
C LYS C 64 3.62 6.54 0.35
N ALA C 65 3.54 7.77 0.83
CA ALA C 65 2.34 8.19 1.54
C ALA C 65 2.28 9.70 1.55
N VAL C 66 1.07 10.24 1.40
CA VAL C 66 0.83 11.66 1.53
C VAL C 66 -0.27 11.82 2.55
N GLY C 67 0.05 12.42 3.69
CA GLY C 67 -0.94 12.62 4.73
C GLY C 67 -0.73 13.94 5.45
N ASP C 68 -0.41 13.87 6.74
CA ASP C 68 0.05 15.06 7.42
C ASP C 68 1.47 15.40 6.97
N ILE C 69 2.25 14.39 6.65
CA ILE C 69 3.55 14.54 6.03
C ILE C 69 3.60 13.65 4.80
N ILE C 70 4.63 13.86 3.99
CA ILE C 70 4.94 12.98 2.88
C ILE C 70 6.04 12.05 3.34
N ILE C 71 5.88 10.77 3.06
CA ILE C 71 6.93 9.78 3.28
C ILE C 71 7.44 9.30 1.93
N ILE C 72 8.76 9.27 1.77
CA ILE C 72 9.41 8.77 0.57
C ILE C 72 10.39 7.68 0.96
N LYS C 73 10.71 6.82 -0.01
CA LYS C 73 11.76 5.84 0.21
C LYS C 73 13.07 6.54 0.54
N ASP C 74 13.80 6.01 1.52
CA ASP C 74 15.04 6.63 1.97
C ASP C 74 16.12 6.28 0.96
N LEU C 75 16.36 7.16 0.00
CA LEU C 75 17.39 6.89 -0.99
C LEU C 75 18.70 7.58 -0.66
N PHE C 76 18.83 8.14 0.53
CA PHE C 76 20.01 8.96 0.84
C PHE C 76 21.03 8.12 1.60
N LYS C 77 21.66 7.22 0.84
CA LYS C 77 22.60 6.27 1.41
C LYS C 77 23.73 6.08 0.41
N ARG C 78 24.84 5.57 0.91
CA ARG C 78 25.93 5.11 0.06
C ARG C 78 25.83 3.60 -0.08
N LYS C 79 25.70 3.14 -1.31
CA LYS C 79 25.80 1.72 -1.58
C LYS C 79 27.26 1.32 -1.61
N SER C 80 27.54 0.08 -1.23
CA SER C 80 28.89 -0.43 -1.21
C SER C 80 29.16 -1.30 -2.44
N ARG C 81 30.42 -1.29 -2.90
CA ARG C 81 30.85 -2.10 -4.03
C ARG C 81 31.55 -3.36 -3.54
N VAL C 82 31.40 -4.45 -4.28
CA VAL C 82 31.92 -5.74 -3.85
C VAL C 82 33.41 -5.83 -4.16
N LEU C 83 34.17 -6.47 -3.28
CA LEU C 83 35.58 -6.76 -3.51
C LEU C 83 35.78 -8.21 -3.91
N ASP C 84 36.95 -8.47 -4.48
CA ASP C 84 37.22 -9.75 -5.12
C ASP C 84 37.45 -10.84 -4.10
N TYR C 85 38.21 -10.56 -3.08
CA TYR C 85 38.54 -11.56 -2.09
C TYR C 85 38.01 -11.26 -0.71
N GLU C 86 37.84 -9.98 -0.36
CA GLU C 86 37.15 -9.63 0.86
C GLU C 86 35.68 -10.03 0.78
N SER C 87 35.16 -10.53 1.90
CA SER C 87 33.73 -10.67 2.07
C SER C 87 33.07 -9.34 2.40
N ARG C 88 33.85 -8.37 2.84
CA ARG C 88 33.36 -7.03 3.11
C ARG C 88 33.27 -6.24 1.81
N GLU C 89 32.58 -5.10 1.87
CA GLU C 89 32.37 -4.27 0.69
C GLU C 89 32.91 -2.86 0.92
N LEU C 90 33.38 -2.24 -0.16
CA LEU C 90 34.03 -0.94 -0.10
C LEU C 90 33.00 0.17 -0.19
N ILE C 91 33.28 1.28 0.48
CA ILE C 91 32.49 2.49 0.35
C ILE C 91 33.42 3.61 -0.04
N GLU C 92 33.00 4.40 -1.02
CA GLU C 92 33.92 5.31 -1.65
C GLU C 92 33.26 6.64 -1.98
N MET D 1 7.35 15.31 -18.06
CA MET D 1 8.60 15.67 -17.38
C MET D 1 8.87 17.15 -17.15
N TYR D 2 7.88 18.03 -17.35
CA TYR D 2 8.26 19.28 -18.01
C TYR D 2 7.35 20.47 -17.70
N VAL D 3 6.47 20.40 -16.70
CA VAL D 3 5.65 21.53 -16.27
C VAL D 3 5.64 21.61 -14.74
N PRO D 4 6.24 22.63 -14.13
CA PRO D 4 5.98 22.91 -12.71
C PRO D 4 4.53 23.37 -12.52
N ALA D 5 3.84 22.79 -11.54
CA ALA D 5 2.41 23.08 -11.38
C ALA D 5 2.15 24.57 -11.11
N ARG D 6 3.04 25.24 -10.38
CA ARG D 6 2.83 26.65 -10.12
C ARG D 6 2.95 27.50 -11.38
N SER D 7 3.63 27.01 -12.41
CA SER D 7 3.63 27.77 -13.66
C SER D 7 2.28 27.75 -14.37
N LEU D 8 1.34 26.91 -13.94
CA LEU D 8 0.05 26.85 -14.60
C LEU D 8 -0.97 27.79 -13.98
N ALA D 9 -0.60 28.45 -12.88
CA ALA D 9 -1.55 29.20 -12.07
C ALA D 9 -2.35 30.17 -12.93
N ARG D 10 -3.67 30.04 -12.88
CA ARG D 10 -4.58 30.99 -13.52
C ARG D 10 -4.41 31.10 -15.03
N LYS D 11 -3.77 30.12 -15.69
CA LYS D 11 -3.71 30.18 -17.14
C LYS D 11 -5.09 30.07 -17.75
N SER D 12 -5.23 30.57 -18.97
CA SER D 12 -6.47 30.49 -19.70
C SER D 12 -6.61 29.12 -20.33
N VAL D 13 -7.84 28.60 -20.34
CA VAL D 13 -8.18 27.31 -20.88
C VAL D 13 -9.03 27.53 -22.12
N VAL D 14 -8.63 26.91 -23.23
CA VAL D 14 -9.34 27.05 -24.49
C VAL D 14 -9.57 25.67 -25.10
N LEU D 15 -10.72 25.49 -25.74
CA LEU D 15 -10.96 24.31 -26.52
C LEU D 15 -10.00 24.25 -27.69
N THR D 16 -9.97 23.09 -28.34
CA THR D 16 -9.00 22.87 -29.38
C THR D 16 -9.29 23.68 -30.64
N ASP D 17 -10.52 24.19 -30.81
CA ASP D 17 -10.89 25.02 -31.94
C ASP D 17 -10.84 26.52 -31.64
N GLY D 18 -10.38 26.90 -30.45
CA GLY D 18 -10.22 28.30 -30.13
C GLY D 18 -11.34 28.93 -29.33
N THR D 19 -12.27 28.12 -28.82
CA THR D 19 -13.30 28.59 -27.91
C THR D 19 -12.70 28.78 -26.53
N VAL D 20 -12.87 29.96 -25.95
CA VAL D 20 -12.43 30.19 -24.58
C VAL D 20 -13.26 29.33 -23.63
N VAL D 21 -12.61 28.77 -22.62
CA VAL D 21 -13.30 28.06 -21.55
C VAL D 21 -13.26 28.86 -20.26
N GLY D 22 -12.09 29.32 -19.86
CA GLY D 22 -12.00 30.10 -18.63
C GLY D 22 -10.59 30.09 -18.05
N THR D 23 -10.53 30.29 -16.75
CA THR D 23 -9.27 30.42 -16.00
C THR D 23 -9.07 29.22 -15.10
N LEU D 24 -7.85 28.69 -15.08
CA LEU D 24 -7.54 27.56 -14.22
C LEU D 24 -7.67 27.96 -12.76
N TYR D 25 -8.48 27.22 -12.03
CA TYR D 25 -8.59 27.41 -10.59
C TYR D 25 -7.72 26.42 -9.82
N ASN D 26 -7.74 25.14 -10.18
CA ASN D 26 -6.93 24.16 -9.45
C ASN D 26 -6.87 22.87 -10.27
N ILE D 27 -6.12 21.89 -9.75
CA ILE D 27 -5.91 20.60 -10.40
C ILE D 27 -6.17 19.52 -9.37
N THR D 28 -6.88 18.47 -9.79
CA THR D 28 -7.20 17.34 -8.92
C THR D 28 -6.21 16.21 -9.20
N VAL D 29 -5.59 15.67 -8.15
CA VAL D 29 -4.66 14.56 -8.32
C VAL D 29 -5.01 13.41 -7.39
N ASP D 30 -4.56 12.22 -7.77
CA ASP D 30 -4.65 11.01 -6.95
C ASP D 30 -3.30 10.80 -6.26
N PHE D 31 -3.28 10.93 -4.92
CA PHE D 31 -2.01 10.98 -4.20
C PHE D 31 -1.30 9.62 -4.18
N LYS D 32 -2.05 8.53 -4.00
CA LYS D 32 -1.43 7.21 -3.99
C LYS D 32 -0.92 6.82 -5.36
N THR D 33 -1.56 7.28 -6.41
CA THR D 33 -1.30 6.82 -7.76
C THR D 33 -0.39 7.75 -8.54
N GLY D 34 -0.39 9.04 -8.22
CA GLY D 34 0.27 10.02 -9.04
C GLY D 34 -0.54 10.53 -10.21
N THR D 35 -1.74 9.98 -10.45
CA THR D 35 -2.54 10.36 -11.60
C THR D 35 -3.14 11.75 -11.42
N ILE D 36 -3.05 12.57 -12.46
CA ILE D 36 -3.84 13.79 -12.53
C ILE D 36 -5.24 13.42 -12.98
N VAL D 37 -6.25 13.85 -12.23
CA VAL D 37 -7.62 13.42 -12.50
C VAL D 37 -8.39 14.50 -13.27
N ASN D 38 -8.54 15.70 -12.69
CA ASN D 38 -9.33 16.79 -13.28
C ASN D 38 -8.50 18.06 -13.42
N LEU D 39 -9.05 18.98 -14.21
CA LEU D 39 -8.79 20.41 -14.07
C LEU D 39 -10.04 21.08 -13.51
N LEU D 40 -9.84 22.12 -12.72
CA LEU D 40 -10.97 22.90 -12.23
C LEU D 40 -10.82 24.31 -12.78
N VAL D 41 -11.86 24.82 -13.45
CA VAL D 41 -11.71 26.02 -14.27
C VAL D 41 -12.86 26.99 -13.99
N LYS D 42 -12.51 28.26 -13.75
CA LYS D 42 -13.51 29.34 -13.58
C LYS D 42 -14.11 29.65 -14.94
N PRO D 43 -15.43 29.55 -15.11
CA PRO D 43 -16.03 29.82 -16.42
C PRO D 43 -15.81 31.26 -16.86
N GLU D 44 -15.32 31.43 -18.08
CA GLU D 44 -15.37 32.70 -18.78
C GLU D 44 -16.31 32.66 -19.98
N ASN D 45 -17.16 31.64 -20.08
CA ASN D 45 -17.98 31.39 -21.27
C ASN D 45 -18.84 30.17 -21.00
N GLU D 46 -20.09 30.14 -21.46
CA GLU D 46 -20.96 29.01 -21.15
C GLU D 46 -20.79 27.97 -22.24
N ILE D 47 -20.28 26.80 -21.86
CA ILE D 47 -20.02 25.71 -22.79
C ILE D 47 -20.76 24.49 -22.25
N PRO D 48 -21.41 23.69 -23.09
CA PRO D 48 -22.07 22.48 -22.60
C PRO D 48 -21.13 21.29 -22.48
N ASP D 49 -19.88 21.43 -22.93
CA ASP D 49 -18.99 20.29 -23.04
C ASP D 49 -18.52 19.76 -21.69
N PHE D 50 -18.65 20.55 -20.60
CA PHE D 50 -18.16 20.13 -19.30
C PHE D 50 -19.21 20.43 -18.23
N LYS D 51 -19.33 19.53 -17.26
CA LYS D 51 -20.24 19.78 -16.14
C LYS D 51 -19.55 20.63 -15.09
N LYS D 52 -20.34 21.11 -14.13
CA LYS D 52 -19.94 22.11 -13.15
C LYS D 52 -20.14 21.62 -11.73
N GLU D 53 -19.20 21.99 -10.85
CA GLU D 53 -19.38 21.82 -9.42
C GLU D 53 -18.93 23.10 -8.72
N GLU D 54 -19.79 23.67 -7.89
CA GLU D 54 -19.49 24.94 -7.21
C GLU D 54 -19.14 26.02 -8.23
N GLY D 55 -19.84 25.98 -9.36
CA GLY D 55 -19.66 26.94 -10.43
C GLY D 55 -18.39 26.81 -11.24
N LEU D 56 -17.61 25.74 -11.08
CA LEU D 56 -16.38 25.53 -11.83
C LEU D 56 -16.55 24.41 -12.84
N TYR D 57 -15.94 24.56 -14.01
CA TYR D 57 -15.94 23.46 -14.97
C TYR D 57 -14.99 22.36 -14.52
N ILE D 58 -15.41 21.12 -14.74
CA ILE D 58 -14.62 19.96 -14.40
C ILE D 58 -14.21 19.31 -15.70
N ILE D 59 -12.92 19.36 -16.00
CA ILE D 59 -12.39 18.87 -17.26
C ILE D 59 -11.50 17.67 -16.95
N PRO D 60 -11.91 16.46 -17.34
CA PRO D 60 -11.04 15.29 -17.16
C PRO D 60 -9.69 15.54 -17.80
N PHE D 61 -8.62 15.20 -17.09
CA PHE D 61 -7.30 15.53 -17.61
C PHE D 61 -7.00 14.76 -18.89
N GLU D 62 -7.69 13.64 -19.12
CA GLU D 62 -7.67 12.95 -20.40
C GLU D 62 -7.87 13.91 -21.57
N CYS D 63 -8.68 14.95 -21.36
CA CYS D 63 -9.02 15.88 -22.43
C CYS D 63 -7.95 16.93 -22.67
N VAL D 64 -6.91 16.99 -21.85
CA VAL D 64 -5.91 18.02 -22.02
C VAL D 64 -4.96 17.63 -23.15
N ARG D 65 -4.75 18.54 -24.08
CA ARG D 65 -3.88 18.29 -25.21
C ARG D 65 -2.53 18.95 -25.06
N SER D 66 -2.45 20.08 -24.35
CA SER D 66 -1.21 20.84 -24.42
C SER D 66 -1.21 21.90 -23.32
N LEU D 67 0.00 22.20 -22.83
CA LEU D 67 0.20 23.07 -21.68
C LEU D 67 1.29 24.08 -22.02
N LYS D 68 1.00 25.01 -22.92
CA LYS D 68 1.95 26.02 -23.36
C LYS D 68 1.55 27.36 -22.78
N ASP D 69 1.46 28.45 -23.55
CA ASP D 69 0.89 29.67 -23.02
C ASP D 69 -0.55 29.42 -22.57
N PHE D 70 -1.33 28.75 -23.39
CA PHE D 70 -2.69 28.37 -23.05
C PHE D 70 -2.76 26.88 -22.74
N ILE D 71 -3.75 26.52 -21.95
CA ILE D 71 -4.09 25.13 -21.73
C ILE D 71 -5.13 24.78 -22.77
N VAL D 72 -4.81 23.83 -23.64
CA VAL D 72 -5.66 23.42 -24.74
C VAL D 72 -6.34 22.12 -24.38
N VAL D 73 -7.67 22.08 -24.55
CA VAL D 73 -8.48 20.91 -24.19
C VAL D 73 -9.37 20.55 -25.38
N ASP D 74 -9.79 19.28 -25.41
CA ASP D 74 -10.68 18.75 -26.44
C ASP D 74 -12.09 18.55 -25.86
N ARG D 75 -13.04 18.24 -26.76
CA ARG D 75 -14.38 17.80 -26.34
C ARG D 75 -14.27 16.57 -25.44
N ARG D 76 -13.79 15.46 -26.00
CA ARG D 76 -13.41 14.29 -25.19
C ARG D 76 -11.89 14.18 -25.12
N MET E 1 5.29 -29.57 11.04
CA MET E 1 5.69 -28.20 10.80
C MET E 1 6.53 -28.08 9.53
N ILE E 2 7.82 -28.40 9.59
CA ILE E 2 8.78 -28.04 8.57
C ILE E 2 9.26 -29.28 7.85
N GLY E 3 9.16 -29.26 6.53
CA GLY E 3 9.53 -30.43 5.76
C GLY E 3 9.88 -30.06 4.34
N GLU E 4 9.96 -31.06 3.47
CA GLU E 4 10.44 -30.85 2.12
C GLU E 4 9.26 -30.74 1.16
N ILE E 5 9.43 -29.89 0.14
CA ILE E 5 8.35 -29.57 -0.79
C ILE E 5 7.90 -30.83 -1.51
N THR E 6 8.82 -31.77 -1.72
CA THR E 6 8.52 -32.95 -2.52
C THR E 6 7.48 -33.84 -1.87
N THR E 7 7.30 -33.73 -0.57
CA THR E 7 6.29 -34.55 0.06
C THR E 7 4.86 -34.19 -0.38
N PHE E 8 4.63 -32.97 -0.91
CA PHE E 8 3.29 -32.65 -1.41
C PHE E 8 2.89 -33.51 -2.60
N PHE E 9 3.85 -33.92 -3.41
CA PHE E 9 3.52 -34.47 -4.73
C PHE E 9 2.71 -35.75 -4.58
N GLY E 10 1.56 -35.80 -5.24
CA GLY E 10 0.77 -36.99 -5.17
C GLY E 10 -0.07 -37.14 -3.92
N MET E 11 0.04 -36.23 -2.95
CA MET E 11 -0.87 -36.33 -1.82
C MET E 11 -2.29 -36.06 -2.25
N ARG E 12 -3.20 -36.79 -1.61
CA ARG E 12 -4.62 -36.63 -1.83
C ARG E 12 -5.14 -35.46 -1.01
N VAL E 13 -6.05 -34.70 -1.62
CA VAL E 13 -6.65 -33.51 -1.02
C VAL E 13 -8.11 -33.80 -0.74
N PHE E 14 -8.55 -33.50 0.48
CA PHE E 14 -9.93 -33.62 0.89
C PHE E 14 -10.37 -32.32 1.51
N THR E 15 -11.67 -32.08 1.49
CA THR E 15 -12.22 -30.97 2.23
C THR E 15 -12.56 -31.42 3.64
N ASP E 16 -12.78 -30.46 4.53
CA ASP E 16 -13.11 -30.81 5.89
C ASP E 16 -14.53 -31.33 6.05
N GLU E 17 -15.29 -31.46 4.97
CA GLU E 17 -16.48 -32.31 4.99
C GLU E 17 -16.20 -33.70 4.47
N GLY E 18 -14.93 -34.04 4.25
CA GLY E 18 -14.57 -35.37 3.79
C GLY E 18 -14.78 -35.62 2.32
N ARG E 19 -14.96 -34.60 1.52
CA ARG E 19 -15.13 -34.77 0.09
C ARG E 19 -13.76 -34.79 -0.57
N TYR E 20 -13.57 -35.74 -1.48
CA TYR E 20 -12.32 -35.85 -2.22
C TYR E 20 -12.21 -34.77 -3.28
N VAL E 21 -11.02 -34.20 -3.42
CA VAL E 21 -10.79 -33.10 -4.34
C VAL E 21 -9.88 -33.53 -5.49
N GLY E 22 -8.83 -34.25 -5.21
CA GLY E 22 -7.90 -34.69 -6.23
C GLY E 22 -6.53 -34.87 -5.64
N ARG E 23 -5.55 -35.07 -6.52
CA ARG E 23 -4.18 -35.24 -6.10
C ARG E 23 -3.34 -34.04 -6.46
N VAL E 24 -2.34 -33.78 -5.63
CA VAL E 24 -1.42 -32.68 -5.89
C VAL E 24 -0.50 -33.13 -7.02
N GLU E 25 -0.59 -32.41 -8.15
CA GLU E 25 0.37 -32.54 -9.24
C GLU E 25 1.59 -31.64 -9.06
N ASP E 26 1.45 -30.50 -8.38
CA ASP E 26 2.58 -29.58 -8.32
C ASP E 26 2.29 -28.52 -7.26
N VAL E 27 3.32 -27.79 -6.88
CA VAL E 27 3.23 -26.75 -5.87
C VAL E 27 3.69 -25.44 -6.48
N ILE E 28 2.94 -24.36 -6.20
CA ILE E 28 3.14 -23.06 -6.84
C ILE E 28 3.78 -22.10 -5.84
N LEU E 29 4.96 -21.58 -6.19
CA LEU E 29 5.76 -20.75 -5.29
C LEU E 29 5.73 -19.29 -5.71
N ASP E 30 5.80 -18.39 -4.71
CA ASP E 30 5.98 -16.95 -4.91
C ASP E 30 7.34 -16.54 -4.34
N GLN E 31 8.25 -16.14 -5.21
CA GLN E 31 9.56 -15.67 -4.76
C GLN E 31 9.41 -14.43 -3.87
N ASN E 32 8.52 -13.51 -4.25
CA ASN E 32 8.36 -12.24 -3.54
C ASN E 32 8.02 -12.47 -2.07
N THR E 33 6.90 -13.12 -1.82
CA THR E 33 6.42 -13.38 -0.46
C THR E 33 7.16 -14.51 0.23
N LYS E 34 7.93 -15.32 -0.50
CA LYS E 34 8.67 -16.44 0.07
C LYS E 34 7.70 -17.47 0.64
N SER E 35 6.75 -17.90 -0.20
CA SER E 35 5.64 -18.70 0.29
C SER E 35 5.06 -19.52 -0.84
N ILE E 36 4.36 -20.58 -0.46
CA ILE E 36 3.54 -21.37 -1.38
C ILE E 36 2.27 -20.58 -1.66
N ARG E 37 1.96 -20.43 -2.94
CA ARG E 37 0.74 -19.74 -3.32
C ARG E 37 -0.41 -20.72 -3.54
N GLY E 38 -0.13 -21.86 -4.13
CA GLY E 38 -1.21 -22.80 -4.29
C GLY E 38 -0.68 -24.20 -4.43
N LEU E 39 -1.62 -25.13 -4.58
CA LEU E 39 -1.33 -26.51 -4.93
C LEU E 39 -2.02 -26.75 -6.26
N ALA E 40 -1.30 -27.32 -7.22
CA ALA E 40 -1.90 -27.63 -8.51
C ALA E 40 -2.45 -29.05 -8.48
N ILE E 41 -3.72 -29.21 -8.83
CA ILE E 41 -4.45 -30.46 -8.71
C ILE E 41 -4.89 -30.93 -10.09
N SER E 42 -4.78 -32.24 -10.32
CA SER E 42 -5.54 -32.89 -11.39
C SER E 42 -6.08 -34.19 -10.82
N ASP E 43 -6.54 -35.10 -11.68
CA ASP E 43 -7.39 -36.22 -11.26
C ASP E 43 -8.43 -35.70 -10.28
N TYR E 44 -9.16 -34.71 -10.77
CA TYR E 44 -9.75 -33.67 -9.95
C TYR E 44 -11.27 -33.81 -9.99
N ASN E 45 -11.93 -33.57 -8.87
CA ASN E 45 -13.29 -34.06 -8.73
C ASN E 45 -14.22 -33.23 -9.58
N LYS E 46 -14.50 -33.74 -10.77
CA LYS E 46 -15.47 -33.14 -11.68
C LYS E 46 -16.88 -33.05 -11.06
N ALA E 47 -17.12 -33.63 -9.89
CA ALA E 47 -18.33 -33.44 -9.10
C ALA E 47 -18.31 -32.15 -8.27
N LEU E 48 -17.22 -31.88 -7.54
CA LEU E 48 -17.13 -30.60 -6.84
C LEU E 48 -16.75 -29.44 -7.74
N ILE E 49 -15.92 -29.67 -8.75
CA ILE E 49 -15.39 -28.60 -9.58
C ILE E 49 -16.04 -28.67 -10.96
N ASP E 50 -16.59 -27.53 -11.40
CA ASP E 50 -16.95 -27.32 -12.81
C ASP E 50 -15.80 -26.54 -13.44
N SER E 51 -14.94 -27.25 -14.16
CA SER E 51 -13.82 -26.59 -14.82
C SER E 51 -13.38 -27.41 -16.01
N HIS E 52 -13.35 -26.76 -17.17
CA HIS E 52 -12.81 -27.37 -18.36
C HIS E 52 -11.32 -27.71 -18.21
N ALA E 53 -10.63 -26.98 -17.35
CA ALA E 53 -9.17 -26.89 -17.39
C ALA E 53 -8.52 -28.25 -17.15
N LYS E 54 -7.24 -28.34 -17.55
CA LYS E 54 -6.44 -29.52 -17.24
C LYS E 54 -6.27 -29.67 -15.73
N GLY E 55 -6.28 -28.56 -15.00
CA GLY E 55 -6.18 -28.60 -13.56
C GLY E 55 -6.51 -27.25 -12.99
N VAL E 56 -6.88 -27.27 -11.71
CA VAL E 56 -7.14 -26.06 -10.97
C VAL E 56 -6.04 -25.89 -9.92
N ILE E 57 -6.04 -24.73 -9.29
CA ILE E 57 -5.07 -24.37 -8.27
C ILE E 57 -5.82 -24.00 -7.00
N ILE E 58 -5.53 -24.70 -5.93
CA ILE E 58 -6.13 -24.45 -4.62
C ILE E 58 -5.24 -23.44 -3.90
N PRO E 59 -5.77 -22.27 -3.50
CA PRO E 59 -4.92 -21.34 -2.75
C PRO E 59 -4.54 -21.97 -1.43
N TYR E 60 -3.30 -21.72 -1.02
CA TYR E 60 -2.76 -22.38 0.17
C TYR E 60 -3.47 -21.92 1.44
N ARG E 61 -4.06 -20.72 1.41
CA ARG E 61 -4.75 -20.20 2.59
C ARG E 61 -6.00 -20.97 2.93
N VAL E 62 -6.45 -21.93 2.11
CA VAL E 62 -7.54 -22.78 2.57
C VAL E 62 -7.04 -24.13 3.08
N VAL E 63 -5.73 -24.36 3.06
CA VAL E 63 -5.18 -25.59 3.60
C VAL E 63 -5.25 -25.56 5.13
N LYS E 64 -5.90 -26.56 5.70
CA LYS E 64 -6.03 -26.71 7.15
C LYS E 64 -5.03 -27.68 7.75
N ALA E 65 -4.65 -28.72 7.03
CA ALA E 65 -3.68 -29.64 7.62
C ALA E 65 -3.05 -30.44 6.52
N VAL E 66 -1.79 -30.78 6.73
CA VAL E 66 -1.02 -31.61 5.83
C VAL E 66 -0.56 -32.80 6.65
N GLY E 67 -1.17 -33.97 6.42
CA GLY E 67 -0.76 -35.18 7.10
C GLY E 67 -0.48 -36.32 6.14
N ASP E 68 -1.13 -37.46 6.32
CA ASP E 68 -1.17 -38.49 5.29
C ASP E 68 -1.97 -38.02 4.08
N ILE E 69 -2.86 -37.05 4.28
CA ILE E 69 -3.63 -36.38 3.24
C ILE E 69 -3.60 -34.89 3.57
N ILE E 70 -4.09 -34.09 2.63
CA ILE E 70 -4.27 -32.66 2.82
C ILE E 70 -5.75 -32.41 3.05
N ILE E 71 -6.08 -31.61 4.06
CA ILE E 71 -7.45 -31.19 4.34
C ILE E 71 -7.54 -29.70 4.09
N ILE E 72 -8.58 -29.28 3.38
CA ILE E 72 -8.77 -27.89 3.01
C ILE E 72 -10.16 -27.48 3.47
N LYS E 73 -10.34 -26.18 3.71
CA LYS E 73 -11.68 -25.66 3.93
C LYS E 73 -12.56 -26.05 2.74
N ASP E 74 -13.84 -26.36 3.02
CA ASP E 74 -14.74 -26.79 1.97
C ASP E 74 -15.40 -25.59 1.29
N LEU E 75 -15.24 -25.53 -0.02
CA LEU E 75 -15.69 -24.42 -0.86
C LEU E 75 -17.04 -24.74 -1.48
N TYR F 2 5.50 -17.70 -8.79
CA TYR F 2 4.44 -17.79 -9.77
C TYR F 2 5.04 -18.94 -10.57
N VAL F 3 5.96 -19.61 -9.87
CA VAL F 3 6.83 -20.68 -10.33
C VAL F 3 6.32 -22.02 -9.83
N PRO F 4 6.08 -22.99 -10.71
CA PRO F 4 5.79 -24.35 -10.24
C PRO F 4 7.05 -25.04 -9.72
N ALA F 5 6.87 -25.85 -8.68
CA ALA F 5 8.02 -26.41 -7.99
C ALA F 5 8.71 -27.51 -8.79
N ARG F 6 7.94 -28.35 -9.53
CA ARG F 6 8.56 -29.38 -10.36
C ARG F 6 9.68 -28.83 -11.24
N SER F 7 9.43 -27.69 -11.89
CA SER F 7 10.38 -27.17 -12.87
C SER F 7 11.72 -26.81 -12.27
N LEU F 8 11.83 -26.76 -10.94
CA LEU F 8 13.08 -26.40 -10.27
C LEU F 8 13.96 -27.61 -10.01
N ALA F 9 13.47 -28.81 -10.25
CA ALA F 9 14.21 -30.02 -9.97
C ALA F 9 15.62 -29.93 -10.53
N ARG F 10 16.60 -29.98 -9.63
CA ARG F 10 18.00 -30.14 -9.97
C ARG F 10 18.58 -28.98 -10.79
N LYS F 11 17.91 -27.82 -10.80
CA LYS F 11 18.54 -26.67 -11.42
C LYS F 11 19.81 -26.31 -10.70
N SER F 12 20.65 -25.52 -11.37
CA SER F 12 21.88 -25.06 -10.79
C SER F 12 21.62 -23.80 -9.97
N VAL F 13 22.41 -23.64 -8.92
CA VAL F 13 22.30 -22.53 -7.99
C VAL F 13 23.59 -21.72 -8.08
N VAL F 14 23.45 -20.41 -8.22
CA VAL F 14 24.57 -19.53 -8.55
C VAL F 14 24.43 -18.26 -7.72
N LEU F 15 25.57 -17.75 -7.23
CA LEU F 15 25.58 -16.42 -6.61
C LEU F 15 25.35 -15.34 -7.66
N THR F 16 24.92 -14.18 -7.18
CA THR F 16 24.72 -13.04 -8.08
C THR F 16 25.99 -12.67 -8.84
N ASP F 17 27.17 -13.01 -8.34
CA ASP F 17 28.41 -12.69 -9.06
C ASP F 17 28.79 -13.74 -10.08
N GLY F 18 28.02 -14.81 -10.22
CA GLY F 18 28.33 -15.84 -11.18
C GLY F 18 29.18 -16.97 -10.63
N THR F 19 29.33 -17.04 -9.32
CA THR F 19 29.97 -18.19 -8.70
C THR F 19 28.94 -19.31 -8.59
N VAL F 20 29.37 -20.53 -8.87
CA VAL F 20 28.46 -21.67 -8.85
C VAL F 20 28.43 -22.23 -7.44
N VAL F 21 27.23 -22.47 -6.93
CA VAL F 21 27.10 -23.06 -5.60
C VAL F 21 26.96 -24.57 -5.69
N GLY F 22 26.16 -25.05 -6.63
CA GLY F 22 25.80 -26.44 -6.66
C GLY F 22 24.49 -26.60 -7.42
N THR F 23 23.88 -27.77 -7.25
CA THR F 23 22.61 -28.07 -7.88
C THR F 23 21.55 -28.23 -6.81
N LEU F 24 20.34 -27.79 -7.11
CA LEU F 24 19.27 -27.85 -6.14
C LEU F 24 18.94 -29.30 -5.81
N TYR F 25 18.99 -29.64 -4.52
CA TYR F 25 18.49 -30.95 -4.14
C TYR F 25 17.01 -30.90 -3.72
N ASN F 26 16.62 -29.95 -2.88
CA ASN F 26 15.21 -29.91 -2.48
C ASN F 26 14.93 -28.57 -1.79
N ILE F 27 13.65 -28.34 -1.47
CA ILE F 27 13.19 -27.10 -0.85
C ILE F 27 12.47 -27.43 0.44
N THR F 28 12.80 -26.71 1.50
CA THR F 28 12.18 -26.89 2.81
C THR F 28 11.08 -25.85 3.02
N VAL F 29 9.90 -26.29 3.46
CA VAL F 29 8.77 -25.40 3.64
C VAL F 29 8.14 -25.64 5.01
N ASP F 30 7.50 -24.60 5.54
CA ASP F 30 6.68 -24.72 6.76
C ASP F 30 5.25 -25.03 6.34
N PHE F 31 4.80 -26.25 6.68
CA PHE F 31 3.52 -26.76 6.21
C PHE F 31 2.34 -26.00 6.80
N LYS F 32 2.43 -25.58 8.06
CA LYS F 32 1.31 -24.87 8.65
C LYS F 32 1.17 -23.49 8.03
N THR F 33 2.29 -22.81 7.87
CA THR F 33 2.33 -21.42 7.46
C THR F 33 2.34 -21.24 5.95
N GLY F 34 2.88 -22.20 5.21
CA GLY F 34 3.13 -21.98 3.81
C GLY F 34 4.43 -21.27 3.50
N THR F 35 5.20 -20.87 4.51
CA THR F 35 6.44 -20.15 4.26
C THR F 35 7.50 -21.09 3.68
N ILE F 36 8.26 -20.58 2.72
CA ILE F 36 9.44 -21.30 2.25
C ILE F 36 10.58 -20.97 3.18
N VAL F 37 11.34 -21.98 3.58
CA VAL F 37 12.40 -21.82 4.57
C VAL F 37 13.78 -21.89 3.92
N ASN F 38 14.11 -23.02 3.30
CA ASN F 38 15.48 -23.25 2.82
C ASN F 38 15.52 -23.88 1.44
N LEU F 39 16.60 -23.62 0.74
CA LEU F 39 17.05 -24.48 -0.34
C LEU F 39 18.06 -25.47 0.22
N LEU F 40 17.93 -26.74 -0.16
CA LEU F 40 18.96 -27.73 0.09
C LEU F 40 19.73 -27.94 -1.21
N VAL F 41 21.02 -27.63 -1.20
CA VAL F 41 21.80 -27.56 -2.42
C VAL F 41 23.00 -28.50 -2.32
N LYS F 42 23.20 -29.33 -3.35
CA LYS F 42 24.41 -30.18 -3.47
C LYS F 42 25.63 -29.33 -3.80
N PRO F 43 26.65 -29.29 -2.95
CA PRO F 43 27.78 -28.37 -3.17
C PRO F 43 28.62 -28.74 -4.39
N GLU F 44 29.24 -27.72 -4.99
CA GLU F 44 30.22 -27.90 -6.06
C GLU F 44 31.48 -27.11 -5.80
N ASN F 45 31.34 -25.96 -5.15
CA ASN F 45 32.46 -25.17 -4.66
C ASN F 45 32.32 -24.93 -3.17
N GLU F 46 33.42 -24.50 -2.58
CA GLU F 46 33.43 -24.10 -1.18
C GLU F 46 32.95 -22.66 -1.08
N ILE F 47 31.89 -22.46 -0.32
CA ILE F 47 31.30 -21.14 -0.07
C ILE F 47 30.97 -21.12 1.41
N PRO F 48 31.87 -20.61 2.26
CA PRO F 48 31.69 -20.74 3.71
C PRO F 48 30.50 -19.98 4.26
N ASP F 49 29.90 -19.08 3.47
CA ASP F 49 28.78 -18.28 3.93
C ASP F 49 27.60 -19.17 4.34
N PHE F 50 27.49 -20.38 3.79
CA PHE F 50 26.36 -21.26 4.01
C PHE F 50 26.77 -22.40 4.92
N LYS F 51 25.85 -22.84 5.78
CA LYS F 51 26.14 -24.00 6.61
C LYS F 51 25.81 -25.27 5.86
N LYS F 52 26.56 -26.34 6.17
CA LYS F 52 26.30 -27.64 5.61
C LYS F 52 25.66 -28.55 6.64
N GLU F 53 24.81 -29.44 6.16
CA GLU F 53 24.15 -30.42 7.01
C GLU F 53 23.85 -31.64 6.17
N GLU F 54 24.31 -32.82 6.61
CA GLU F 54 24.12 -34.06 5.87
C GLU F 54 24.62 -33.91 4.44
N GLY F 55 25.74 -33.20 4.27
CA GLY F 55 26.35 -32.97 2.97
C GLY F 55 25.77 -31.86 2.13
N LEU F 56 24.72 -31.17 2.60
CA LEU F 56 23.97 -30.22 1.77
C LEU F 56 24.11 -28.80 2.30
N TYR F 57 24.30 -27.84 1.40
CA TYR F 57 24.19 -26.44 1.79
C TYR F 57 22.77 -26.11 2.19
N ILE F 58 22.62 -25.42 3.32
CA ILE F 58 21.33 -24.94 3.80
C ILE F 58 21.29 -23.45 3.48
N ILE F 59 20.63 -23.08 2.40
CA ILE F 59 20.56 -21.70 1.94
C ILE F 59 19.21 -21.12 2.33
N PRO F 60 19.15 -20.11 3.23
CA PRO F 60 17.86 -19.47 3.55
C PRO F 60 17.17 -18.97 2.30
N PHE F 61 15.84 -19.14 2.25
CA PHE F 61 15.15 -18.70 1.06
C PHE F 61 15.13 -17.18 0.92
N GLU F 62 15.34 -16.43 2.00
CA GLU F 62 15.55 -14.98 1.86
C GLU F 62 16.72 -14.65 0.96
N CYS F 63 17.66 -15.57 0.74
CA CYS F 63 18.77 -15.26 -0.14
C CYS F 63 18.41 -15.39 -1.61
N VAL F 64 17.29 -16.03 -1.94
CA VAL F 64 16.99 -16.25 -3.34
C VAL F 64 16.54 -14.94 -3.95
N ARG F 65 17.15 -14.59 -5.10
CA ARG F 65 16.77 -13.37 -5.79
C ARG F 65 16.09 -13.62 -7.12
N SER F 66 16.28 -14.79 -7.73
CA SER F 66 15.57 -15.06 -8.97
C SER F 66 15.52 -16.56 -9.21
N LEU F 67 14.50 -16.97 -9.96
CA LEU F 67 14.31 -18.37 -10.31
C LEU F 67 13.99 -18.41 -11.80
N LYS F 68 14.99 -18.73 -12.63
CA LYS F 68 14.78 -18.81 -14.07
C LYS F 68 15.42 -20.09 -14.58
N ASP F 69 16.34 -19.98 -15.55
CA ASP F 69 17.13 -21.14 -15.94
C ASP F 69 18.02 -21.58 -14.79
N PHE F 70 18.61 -20.61 -14.07
CA PHE F 70 19.39 -20.86 -12.88
C PHE F 70 18.68 -20.24 -11.69
N ILE F 71 18.93 -20.80 -10.52
CA ILE F 71 18.46 -20.21 -9.27
C ILE F 71 19.56 -19.29 -8.77
N VAL F 72 19.23 -18.02 -8.59
CA VAL F 72 20.20 -16.99 -8.22
C VAL F 72 20.00 -16.60 -6.77
N VAL F 73 21.09 -16.61 -5.99
CA VAL F 73 21.09 -16.28 -4.58
C VAL F 73 22.22 -15.29 -4.35
N ASP F 74 22.23 -14.64 -3.19
CA ASP F 74 23.42 -13.89 -2.79
C ASP F 74 23.79 -14.23 -1.36
N ARG F 75 25.02 -13.85 -1.00
CA ARG F 75 25.62 -14.28 0.27
C ARG F 75 24.78 -13.88 1.47
N ARG F 76 24.21 -12.68 1.47
CA ARG F 76 23.26 -12.31 2.52
C ARG F 76 22.06 -11.59 1.94
N MET G 1 20.71 2.00 15.22
CA MET G 1 20.61 0.69 15.83
C MET G 1 20.66 0.83 17.36
N ILE G 2 21.85 0.78 17.95
CA ILE G 2 21.99 0.82 19.41
C ILE G 2 22.09 2.27 19.86
N GLY G 3 21.08 2.73 20.60
CA GLY G 3 21.11 4.08 21.15
C GLY G 3 20.58 4.21 22.57
N GLU G 4 20.47 5.46 23.03
CA GLU G 4 20.05 5.74 24.39
C GLU G 4 18.55 5.98 24.42
N ILE G 5 17.88 5.47 25.46
CA ILE G 5 16.43 5.43 25.49
C ILE G 5 15.79 6.80 25.71
N THR G 6 16.53 7.77 26.24
CA THR G 6 15.95 9.08 26.47
C THR G 6 15.60 9.78 25.17
N THR G 7 16.21 9.37 24.06
CA THR G 7 15.95 10.01 22.79
C THR G 7 14.53 9.78 22.28
N PHE G 8 13.84 8.74 22.75
CA PHE G 8 12.42 8.60 22.42
C PHE G 8 11.60 9.76 22.94
N PHE G 9 11.95 10.28 24.12
CA PHE G 9 11.07 11.21 24.81
C PHE G 9 10.81 12.44 23.96
N GLY G 10 9.53 12.80 23.80
CA GLY G 10 9.15 13.98 23.08
C GLY G 10 9.05 13.84 21.58
N MET G 11 9.61 12.77 21.00
CA MET G 11 9.52 12.55 19.56
C MET G 11 8.08 12.50 19.07
N ARG G 12 7.85 13.04 17.88
CA ARG G 12 6.57 12.96 17.18
C ARG G 12 6.43 11.60 16.52
N VAL G 13 5.21 11.06 16.53
CA VAL G 13 4.94 9.74 15.97
C VAL G 13 3.97 9.88 14.80
N PHE G 14 4.33 9.27 13.68
CA PHE G 14 3.49 9.24 12.50
C PHE G 14 3.28 7.79 12.08
N THR G 15 2.25 7.54 11.31
CA THR G 15 2.16 6.21 10.73
C THR G 15 2.80 6.20 9.35
N ASP G 16 2.99 4.98 8.82
CA ASP G 16 3.48 4.87 7.45
C ASP G 16 2.42 5.24 6.41
N GLU G 17 1.22 5.59 6.83
CA GLU G 17 0.31 6.33 5.98
C GLU G 17 0.53 7.83 6.05
N GLY G 18 1.53 8.28 6.81
CA GLY G 18 1.87 9.69 6.88
C GLY G 18 1.03 10.53 7.81
N ARG G 19 0.15 9.90 8.59
CA ARG G 19 -0.75 10.64 9.45
C ARG G 19 -0.18 10.72 10.86
N TYR G 20 -0.55 11.80 11.56
CA TYR G 20 0.09 12.17 12.82
C TYR G 20 -0.61 11.52 14.01
N VAL G 21 0.19 10.88 14.88
CA VAL G 21 -0.35 10.14 16.01
C VAL G 21 -0.21 10.92 17.32
N GLY G 22 0.96 11.46 17.60
CA GLY G 22 1.17 12.22 18.84
C GLY G 22 2.62 12.16 19.27
N ARG G 23 2.86 12.48 20.53
CA ARG G 23 4.20 12.64 21.07
C ARG G 23 4.49 11.54 22.08
N VAL G 24 5.67 10.93 21.96
CA VAL G 24 6.13 9.95 22.95
C VAL G 24 6.26 10.62 24.32
N GLU G 25 5.47 10.14 25.29
CA GLU G 25 5.59 10.62 26.66
C GLU G 25 6.45 9.72 27.54
N ASP G 26 6.45 8.41 27.30
CA ASP G 26 7.25 7.52 28.13
C ASP G 26 7.39 6.20 27.40
N VAL G 27 8.40 5.44 27.79
CA VAL G 27 8.71 4.15 27.20
C VAL G 27 8.41 3.08 28.25
N ILE G 28 7.67 2.05 27.86
CA ILE G 28 7.26 0.98 28.77
C ILE G 28 8.22 -0.19 28.61
N LEU G 29 8.73 -0.71 29.73
CA LEU G 29 9.74 -1.75 29.71
C LEU G 29 9.22 -3.03 30.35
N ASP G 30 9.75 -4.16 29.87
CA ASP G 30 9.50 -5.49 30.42
C ASP G 30 10.81 -6.05 30.93
N GLN G 31 10.93 -6.17 32.26
CA GLN G 31 12.18 -6.64 32.87
C GLN G 31 12.44 -8.11 32.55
N ASN G 32 11.39 -8.91 32.40
CA ASN G 32 11.57 -10.35 32.22
C ASN G 32 12.10 -10.65 30.82
N THR G 33 11.58 -9.98 29.80
CA THR G 33 12.02 -10.17 28.43
C THR G 33 13.23 -9.33 28.05
N LYS G 34 13.60 -8.35 28.87
CA LYS G 34 14.75 -7.46 28.63
C LYS G 34 14.56 -6.65 27.34
N SER G 35 13.41 -5.99 27.23
CA SER G 35 13.08 -5.35 25.96
C SER G 35 12.05 -4.25 26.19
N ILE G 36 12.00 -3.33 25.23
CA ILE G 36 10.95 -2.32 25.20
C ILE G 36 9.64 -3.00 24.83
N ARG G 37 8.66 -2.95 25.72
CA ARG G 37 7.38 -3.53 25.33
C ARG G 37 6.58 -2.57 24.45
N GLY G 38 6.66 -1.27 24.72
CA GLY G 38 5.75 -0.35 24.03
C GLY G 38 6.11 1.09 24.32
N LEU G 39 5.35 1.99 23.68
CA LEU G 39 5.59 3.43 23.74
C LEU G 39 4.32 4.14 24.21
N ALA G 40 4.41 4.85 25.33
CA ALA G 40 3.27 5.62 25.82
C ALA G 40 3.16 6.92 25.06
N ILE G 41 1.96 7.19 24.52
CA ILE G 41 1.70 8.38 23.70
C ILE G 41 0.73 9.29 24.42
N SER G 42 1.18 10.51 24.68
CA SER G 42 0.38 11.64 25.14
C SER G 42 0.13 12.60 23.98
N ASP G 43 -0.79 13.54 24.22
CA ASP G 43 -1.27 14.49 23.22
C ASP G 43 -1.52 13.77 21.90
N TYR G 44 -2.49 12.88 21.98
CA TYR G 44 -2.70 11.87 20.97
C TYR G 44 -3.81 12.31 20.01
N ASN G 45 -3.60 12.07 18.73
CA ASN G 45 -4.49 12.63 17.71
C ASN G 45 -5.92 12.18 17.93
N LYS G 46 -6.82 13.15 18.06
CA LYS G 46 -8.24 12.84 18.18
C LYS G 46 -8.77 12.21 16.90
N ALA G 47 -8.34 12.71 15.74
CA ALA G 47 -8.87 12.23 14.47
C ALA G 47 -8.61 10.73 14.29
N LEU G 48 -7.42 10.29 14.67
CA LEU G 48 -6.98 8.91 14.49
C LEU G 48 -7.39 7.97 15.60
N ILE G 49 -7.43 8.45 16.84
CA ILE G 49 -7.61 7.57 17.99
C ILE G 49 -8.91 7.94 18.68
N ASP G 50 -9.85 6.99 18.70
CA ASP G 50 -11.06 7.08 19.51
C ASP G 50 -10.71 6.53 20.89
N SER G 51 -10.36 7.42 21.82
CA SER G 51 -9.96 6.96 23.15
C SER G 51 -10.31 8.01 24.19
N HIS G 52 -10.62 7.53 25.39
CA HIS G 52 -10.97 8.36 26.53
C HIS G 52 -9.80 8.59 27.46
N ALA G 53 -8.96 7.56 27.64
CA ALA G 53 -7.91 7.55 28.63
C ALA G 53 -6.87 8.64 28.36
N LYS G 54 -6.03 8.88 29.37
CA LYS G 54 -5.01 9.93 29.32
C LYS G 54 -4.02 9.72 28.19
N GLY G 55 -3.89 8.50 27.70
CA GLY G 55 -2.99 8.22 26.60
C GLY G 55 -3.28 6.86 26.01
N VAL G 56 -2.42 6.45 25.08
CA VAL G 56 -2.48 5.13 24.47
C VAL G 56 -1.08 4.57 24.42
N ILE G 57 -0.96 3.27 24.60
CA ILE G 57 0.33 2.61 24.46
C ILE G 57 0.34 1.88 23.12
N ILE G 58 1.51 1.84 22.49
CA ILE G 58 1.69 1.32 21.14
C ILE G 58 2.74 0.22 21.20
N PRO G 59 2.41 -1.01 20.79
CA PRO G 59 3.39 -2.10 20.90
C PRO G 59 4.60 -1.84 20.03
N TYR G 60 5.79 -2.01 20.61
CA TYR G 60 7.01 -1.66 19.89
C TYR G 60 7.20 -2.51 18.64
N ARG G 61 6.46 -3.63 18.51
CA ARG G 61 6.60 -4.46 17.31
C ARG G 61 6.06 -3.77 16.07
N VAL G 62 5.21 -2.74 16.22
CA VAL G 62 4.69 -2.00 15.06
C VAL G 62 5.54 -0.76 14.77
N VAL G 63 6.69 -0.60 15.43
CA VAL G 63 7.59 0.52 15.15
C VAL G 63 8.40 0.17 13.91
N LYS G 64 8.24 0.96 12.85
CA LYS G 64 8.99 0.67 11.62
C LYS G 64 10.35 1.35 11.57
N ALA G 65 10.52 2.50 12.23
CA ALA G 65 11.79 3.21 12.15
C ALA G 65 11.81 4.34 13.16
N VAL G 66 13.02 4.74 13.52
CA VAL G 66 13.26 5.78 14.51
C VAL G 66 14.36 6.68 13.96
N GLY G 67 13.99 7.90 13.56
CA GLY G 67 14.99 8.88 13.18
C GLY G 67 14.67 10.23 13.78
N ASP G 68 14.49 11.23 12.91
CA ASP G 68 13.96 12.52 13.35
C ASP G 68 12.53 12.38 13.84
N ILE G 69 11.80 11.39 13.33
CA ILE G 69 10.48 11.05 13.82
C ILE G 69 10.42 9.54 13.95
N ILE G 70 9.34 9.05 14.51
CA ILE G 70 9.09 7.62 14.65
C ILE G 70 7.96 7.27 13.70
N ILE G 71 8.13 6.18 12.97
CA ILE G 71 7.15 5.72 11.99
C ILE G 71 6.59 4.39 12.45
N ILE G 72 5.26 4.33 12.51
CA ILE G 72 4.51 3.21 13.05
C ILE G 72 3.74 2.54 11.92
N LYS G 73 3.73 1.22 11.91
CA LYS G 73 2.73 0.51 11.11
C LYS G 73 1.34 1.06 11.41
N ASP G 74 0.64 1.50 10.37
CA ASP G 74 -0.66 2.15 10.58
C ASP G 74 -1.73 1.11 10.89
N LEU G 75 -2.31 1.22 12.08
CA LEU G 75 -3.39 0.35 12.56
C LEU G 75 -4.76 0.93 12.20
N PHE G 76 -5.06 2.10 12.74
CA PHE G 76 -6.32 2.82 12.55
C PHE G 76 -6.75 2.98 11.09
N MET H 1 5.66 -7.45 32.16
CA MET H 1 5.75 -6.54 33.30
C MET H 1 5.40 -5.12 32.82
N TYR H 2 5.27 -4.20 33.76
CA TYR H 2 4.80 -2.84 33.46
C TYR H 2 5.69 -1.85 34.22
N VAL H 3 6.74 -1.39 33.58
CA VAL H 3 7.70 -0.47 34.22
C VAL H 3 7.87 0.79 33.38
N PRO H 4 7.23 1.91 33.73
CA PRO H 4 7.49 3.17 33.02
C PRO H 4 8.95 3.58 33.17
N ALA H 5 9.52 4.08 32.08
CA ALA H 5 10.96 4.31 32.07
C ALA H 5 11.36 5.65 32.68
N ARG H 6 10.48 6.65 32.64
CA ARG H 6 10.80 7.90 33.32
C ARG H 6 10.92 7.69 34.83
N SER H 7 10.19 6.70 35.37
CA SER H 7 10.30 6.39 36.79
C SER H 7 11.72 6.03 37.19
N LEU H 8 12.47 5.40 36.29
CA LEU H 8 13.84 4.99 36.60
C LEU H 8 14.82 6.16 36.60
N ALA H 9 14.35 7.37 36.36
CA ALA H 9 15.24 8.52 36.22
C ALA H 9 16.02 8.74 37.52
N ARG H 10 17.34 8.82 37.39
CA ARG H 10 18.24 9.20 38.49
C ARG H 10 18.19 8.20 39.64
N LYS H 11 17.47 7.10 39.50
CA LYS H 11 17.28 6.19 40.62
C LYS H 11 18.64 5.63 41.05
N SER H 12 18.71 5.15 42.28
CA SER H 12 19.99 4.68 42.82
C SER H 12 20.33 3.28 42.33
N VAL H 13 21.63 3.02 42.21
CA VAL H 13 22.16 1.74 41.72
C VAL H 13 23.15 1.18 42.75
N VAL H 14 22.89 -0.05 43.20
CA VAL H 14 23.70 -0.69 44.23
C VAL H 14 24.00 -2.13 43.82
N LEU H 15 25.07 -2.67 44.42
CA LEU H 15 25.33 -4.10 44.26
C LEU H 15 24.33 -4.89 45.12
N THR H 16 24.44 -6.23 45.07
CA THR H 16 23.51 -7.06 45.82
C THR H 16 23.72 -6.98 47.33
N ASP H 17 24.87 -6.47 47.79
CA ASP H 17 25.15 -6.36 49.22
C ASP H 17 24.85 -4.98 49.78
N GLY H 18 24.27 -4.08 48.98
CA GLY H 18 23.88 -2.77 49.42
C GLY H 18 24.83 -1.66 49.03
N THR H 19 26.09 -1.99 48.75
CA THR H 19 27.09 -0.96 48.44
C THR H 19 26.78 -0.28 47.12
N VAL H 20 26.92 1.04 47.10
CA VAL H 20 26.36 1.85 46.03
C VAL H 20 27.30 1.86 44.83
N VAL H 21 26.74 1.62 43.65
CA VAL H 21 27.48 1.83 42.41
C VAL H 21 27.44 3.30 42.02
N GLY H 22 26.26 3.90 42.10
CA GLY H 22 26.06 5.28 41.74
C GLY H 22 24.60 5.49 41.40
N THR H 23 24.35 6.54 40.62
CA THR H 23 23.01 6.88 40.16
C THR H 23 22.88 6.63 38.67
N LEU H 24 21.68 6.24 38.24
CA LEU H 24 21.44 5.88 36.86
C LEU H 24 21.43 7.13 35.98
N TYR H 25 22.15 7.07 34.86
CA TYR H 25 22.14 8.19 33.93
C TYR H 25 21.29 7.94 32.70
N ASN H 26 21.34 6.74 32.11
CA ASN H 26 20.55 6.43 30.93
C ASN H 26 20.63 4.93 30.69
N ILE H 27 19.90 4.46 29.66
CA ILE H 27 19.78 3.04 29.34
C ILE H 27 19.98 2.84 27.84
N THR H 28 20.89 1.94 27.48
CA THR H 28 21.17 1.57 26.11
C THR H 28 20.14 0.56 25.57
N VAL H 29 19.52 0.88 24.43
CA VAL H 29 18.60 -0.04 23.76
C VAL H 29 18.93 -0.15 22.27
N ASP H 30 18.59 -1.29 21.68
CA ASP H 30 18.60 -1.48 20.23
C ASP H 30 17.24 -1.07 19.70
N PHE H 31 17.22 -0.08 18.80
CA PHE H 31 15.96 0.46 18.32
C PHE H 31 15.25 -0.50 17.37
N LYS H 32 16.01 -1.35 16.68
CA LYS H 32 15.37 -2.36 15.84
C LYS H 32 14.64 -3.39 16.68
N THR H 33 15.34 -4.02 17.62
CA THR H 33 14.79 -5.17 18.33
C THR H 33 13.89 -4.75 19.49
N GLY H 34 14.27 -3.71 20.23
CA GLY H 34 13.67 -3.40 21.50
C GLY H 34 14.47 -3.90 22.67
N THR H 35 15.50 -4.69 22.40
CA THR H 35 16.35 -5.28 23.43
C THR H 35 17.07 -4.20 24.23
N ILE H 36 16.89 -4.24 25.56
CA ILE H 36 17.70 -3.42 26.44
C ILE H 36 19.09 -4.01 26.53
N VAL H 37 20.10 -3.15 26.51
CA VAL H 37 21.49 -3.59 26.29
C VAL H 37 22.35 -3.31 27.53
N ASN H 38 22.50 -2.05 27.91
CA ASN H 38 23.31 -1.69 29.06
C ASN H 38 22.57 -0.66 29.92
N LEU H 39 23.06 -0.49 31.13
CA LEU H 39 22.75 0.68 31.94
C LEU H 39 23.99 1.57 31.98
N LEU H 40 23.76 2.88 32.00
CA LEU H 40 24.80 3.88 32.13
C LEU H 40 24.61 4.58 33.48
N VAL H 41 25.66 4.60 34.29
CA VAL H 41 25.55 4.95 35.71
C VAL H 41 26.62 5.97 36.06
N LYS H 42 26.22 7.04 36.77
CA LYS H 42 27.18 8.03 37.27
C LYS H 42 28.09 7.38 38.30
N PRO H 43 29.38 7.36 38.09
CA PRO H 43 30.25 6.58 38.98
C PRO H 43 30.45 7.24 40.33
N GLU H 44 29.57 6.94 41.30
CA GLU H 44 29.67 7.54 42.62
C GLU H 44 30.50 6.72 43.59
N ASN H 45 31.02 5.57 43.15
CA ASN H 45 32.03 4.89 43.92
C ASN H 45 32.89 4.05 42.97
N GLU H 46 34.20 4.05 43.22
CA GLU H 46 35.19 3.52 42.27
C GLU H 46 35.28 2.01 42.45
N ILE H 47 34.61 1.29 41.55
CA ILE H 47 34.45 -0.16 41.64
C ILE H 47 35.26 -0.79 40.51
N PRO H 48 36.06 -1.83 40.79
CA PRO H 48 36.90 -2.44 39.75
C PRO H 48 36.18 -3.36 38.80
N ASP H 49 35.03 -3.91 39.21
CA ASP H 49 34.36 -4.96 38.43
C ASP H 49 33.76 -4.42 37.14
N PHE H 50 33.14 -3.24 37.19
CA PHE H 50 32.51 -2.72 35.99
C PHE H 50 33.50 -1.88 35.18
N LYS H 51 33.17 -1.71 33.91
CA LYS H 51 34.00 -0.94 32.97
C LYS H 51 33.44 0.47 32.85
N LYS H 52 34.33 1.46 32.95
CA LYS H 52 34.00 2.88 33.00
C LYS H 52 34.42 3.52 31.69
N GLU H 53 33.46 3.85 30.85
CA GLU H 53 33.70 4.51 29.57
C GLU H 53 33.02 5.87 29.57
N GLU H 54 33.77 6.92 29.22
CA GLU H 54 33.25 8.28 29.20
C GLU H 54 32.75 8.70 30.58
N GLY H 55 33.51 8.29 31.60
CA GLY H 55 33.16 8.54 32.98
C GLY H 55 31.86 7.91 33.45
N LEU H 56 31.48 6.76 32.89
CA LEU H 56 30.24 6.09 33.27
C LEU H 56 30.45 4.58 33.29
N TYR H 57 29.94 3.92 34.33
CA TYR H 57 29.95 2.47 34.34
C TYR H 57 29.00 1.92 33.28
N ILE H 58 29.50 0.94 32.53
CA ILE H 58 28.70 0.25 31.52
C ILE H 58 28.32 -1.10 32.11
N ILE H 59 27.06 -1.24 32.48
CA ILE H 59 26.56 -2.40 33.21
C ILE H 59 25.59 -3.15 32.30
N PRO H 60 25.95 -4.35 31.84
CA PRO H 60 25.00 -5.16 31.06
C PRO H 60 23.71 -5.34 31.81
N PHE H 61 22.58 -5.19 31.10
CA PHE H 61 21.28 -5.30 31.74
C PHE H 61 21.01 -6.71 32.22
N GLU H 62 21.75 -7.69 31.70
CA GLU H 62 21.71 -9.06 32.21
C GLU H 62 21.97 -9.12 33.70
N CYS H 63 22.77 -8.17 34.22
CA CYS H 63 23.17 -8.14 35.62
C CYS H 63 22.15 -7.48 36.52
N VAL H 64 21.06 -6.98 35.99
CA VAL H 64 20.06 -6.35 36.85
C VAL H 64 19.27 -7.45 37.55
N ARG H 65 19.01 -7.23 38.84
CA ARG H 65 18.24 -8.18 39.64
C ARG H 65 16.92 -7.64 40.16
N SER H 66 16.80 -6.33 40.38
CA SER H 66 15.51 -5.79 40.78
C SER H 66 15.46 -4.31 40.44
N LEU H 67 14.24 -3.81 40.22
CA LEU H 67 14.02 -2.47 39.72
C LEU H 67 12.82 -1.90 40.45
N LYS H 68 13.04 -1.47 41.70
CA LYS H 68 11.96 -0.93 42.51
C LYS H 68 12.42 0.43 43.01
N ASP H 69 12.59 0.61 44.32
CA ASP H 69 13.00 1.92 44.80
C ASP H 69 14.48 2.14 44.52
N PHE H 70 15.26 1.06 44.53
CA PHE H 70 16.71 1.10 44.31
C PHE H 70 17.04 0.00 43.29
N ILE H 71 17.90 0.32 42.33
CA ILE H 71 18.31 -0.66 41.33
C ILE H 71 19.37 -1.57 41.92
N VAL H 72 19.19 -2.88 41.76
CA VAL H 72 20.11 -3.86 42.29
C VAL H 72 20.73 -4.63 41.14
N VAL H 73 22.06 -4.65 41.11
CA VAL H 73 22.82 -5.40 40.13
C VAL H 73 23.79 -6.29 40.89
N ASP H 74 24.55 -7.11 40.17
CA ASP H 74 25.58 -7.92 40.79
C ASP H 74 26.91 -7.83 40.04
N ARG H 75 27.83 -8.75 40.34
CA ARG H 75 29.16 -8.71 39.71
C ARG H 75 29.11 -9.21 38.26
N ARG H 76 28.32 -10.24 37.99
CA ARG H 76 28.29 -10.80 36.63
C ARG H 76 26.87 -11.15 36.18
#